data_4YOF
#
_entry.id   4YOF
#
_cell.length_a   33.593
_cell.length_b   78.847
_cell.length_c   110.645
_cell.angle_alpha   90.00
_cell.angle_beta   90.00
_cell.angle_gamma   90.00
#
_symmetry.space_group_name_H-M   'P 21 21 21'
#
loop_
_entity.id
_entity.type
_entity.pdbx_description
1 polymer 'Redox sensor histidine kinase response regulator DevS'
2 non-polymer 'PROTOPORPHYRIN IX CONTAINING FE'
3 non-polymer 'NITRIC OXIDE'
4 water water
#
_entity_poly.entity_id   1
_entity_poly.type   'polypeptide(L)'
_entity_poly.pdbx_seq_one_letter_code
;GAMSDPDLEATLRAIVHSATSLVDARYGAMEVHDRQHRVLHFVYEGIDEETVRRIGHLPKGLGVIGLLIEDPKPLRLDDV
SAHPASIGFPPYHPPMRTFLGVPVRVRDESFGTLYLTDKTNGQPFSDDDEVLVQALAAAAGIAVANARLYQQAK
;
_entity_poly.pdbx_strand_id   A,B
#
loop_
_chem_comp.id
_chem_comp.type
_chem_comp.name
_chem_comp.formula
HEM non-polymer 'PROTOPORPHYRIN IX CONTAINING FE' 'C34 H32 Fe N4 O4'
NO non-polymer 'NITRIC OXIDE' 'N O'
#
# COMPACT_ATOMS: atom_id res chain seq x y z
N ASP A 5 18.41 1.88 4.40
CA ASP A 5 17.50 2.50 3.45
C ASP A 5 16.35 3.19 4.18
N PRO A 6 16.53 4.49 4.48
CA PRO A 6 15.50 5.30 5.14
C PRO A 6 14.17 5.26 4.40
N ASP A 7 14.23 5.45 3.08
CA ASP A 7 13.04 5.43 2.23
C ASP A 7 12.25 4.13 2.35
N LEU A 8 12.92 2.99 2.20
CA LEU A 8 12.26 1.70 2.37
C LEU A 8 11.69 1.53 3.76
N GLU A 9 12.49 1.90 4.75
CA GLU A 9 12.08 1.80 6.15
C GLU A 9 10.79 2.56 6.42
N ALA A 10 10.73 3.77 5.87
CA ALA A 10 9.57 4.63 6.00
C ALA A 10 8.35 4.05 5.30
N THR A 11 8.56 3.48 4.12
CA THR A 11 7.48 2.83 3.39
C THR A 11 6.94 1.61 4.16
N LEU A 12 7.81 0.75 4.66
CA LEU A 12 7.35 -0.43 5.39
C LEU A 12 6.58 -0.03 6.67
N ARG A 13 7.01 1.04 7.35
CA ARG A 13 6.28 1.49 8.53
C ARG A 13 4.91 2.07 8.18
N ALA A 14 4.81 2.76 7.04
CA ALA A 14 3.53 3.29 6.58
C ALA A 14 2.59 2.16 6.20
N ILE A 15 3.14 1.11 5.59
CA ILE A 15 2.31 -0.04 5.21
C ILE A 15 1.79 -0.80 6.43
N VAL A 16 2.65 -1.06 7.41
CA VAL A 16 2.17 -1.66 8.67
C VAL A 16 1.14 -0.76 9.33
N HIS A 17 1.39 0.55 9.37
CA HIS A 17 0.43 1.44 9.99
C HIS A 17 -0.92 1.43 9.28
N SER A 18 -0.88 1.45 7.96
CA SER A 18 -2.09 1.39 7.15
CA SER A 18 -2.11 1.42 7.19
C SER A 18 -2.84 0.10 7.39
N ALA A 19 -2.12 -1.02 7.39
CA ALA A 19 -2.79 -2.29 7.63
C ALA A 19 -3.44 -2.34 9.00
N THR A 20 -2.69 -1.93 10.02
CA THR A 20 -3.19 -1.99 11.40
C THR A 20 -4.44 -1.13 11.59
N SER A 21 -4.40 0.11 11.09
CA SER A 21 -5.56 0.98 11.23
C SER A 21 -6.73 0.51 10.36
N LEU A 22 -6.45 0.05 9.15
CA LEU A 22 -7.51 -0.29 8.21
C LEU A 22 -8.30 -1.55 8.64
N VAL A 23 -7.65 -2.51 9.29
CA VAL A 23 -8.39 -3.70 9.76
C VAL A 23 -8.66 -3.65 11.26
N ASP A 24 -8.41 -2.51 11.87
CA ASP A 24 -8.70 -2.30 13.28
C ASP A 24 -8.01 -3.33 14.17
N ALA A 25 -6.74 -3.59 13.88
CA ALA A 25 -5.95 -4.49 14.71
C ALA A 25 -5.34 -3.71 15.86
N ARG A 26 -5.20 -4.33 17.00
CA ARG A 26 -4.49 -3.73 18.13
C ARG A 26 -2.99 -3.71 17.88
N TYR A 27 -2.47 -4.75 17.21
CA TYR A 27 -1.05 -4.89 16.96
C TYR A 27 -0.78 -5.21 15.51
N GLY A 28 0.32 -4.71 14.98
CA GLY A 28 0.76 -5.05 13.63
C GLY A 28 2.26 -5.10 13.52
N ALA A 29 2.76 -5.95 12.63
CA ALA A 29 4.22 -6.12 12.46
C ALA A 29 4.53 -6.60 11.07
N MET A 30 5.77 -6.37 10.65
CA MET A 30 6.26 -6.95 9.42
C MET A 30 7.69 -7.44 9.63
N GLU A 31 7.96 -8.67 9.24
CA GLU A 31 9.33 -9.15 9.24
C GLU A 31 9.76 -9.31 7.79
N VAL A 32 11.01 -8.95 7.51
CA VAL A 32 11.56 -9.15 6.19
C VAL A 32 12.85 -9.95 6.30
N HIS A 33 12.99 -10.97 5.45
CA HIS A 33 14.14 -11.88 5.51
C HIS A 33 14.75 -12.17 4.14
N ASP A 34 16.01 -12.63 4.14
CA ASP A 34 16.67 -13.12 2.93
C ASP A 34 16.31 -14.59 2.68
N ARG A 35 16.89 -15.20 1.65
CA ARG A 35 16.54 -16.58 1.31
C ARG A 35 17.18 -17.55 2.30
N GLN A 36 18.10 -17.03 3.11
CA GLN A 36 18.70 -17.79 4.21
C GLN A 36 17.86 -17.64 5.49
N HIS A 37 16.85 -16.78 5.41
CA HIS A 37 15.91 -16.52 6.49
C HIS A 37 16.55 -15.85 7.72
N ARG A 38 17.56 -15.02 7.51
CA ARG A 38 17.98 -14.10 8.56
C ARG A 38 17.12 -12.83 8.49
N VAL A 39 16.84 -12.23 9.65
CA VAL A 39 15.98 -11.06 9.69
C VAL A 39 16.70 -9.81 9.17
N LEU A 40 16.13 -9.22 8.14
CA LEU A 40 16.67 -8.00 7.56
C LEU A 40 15.96 -6.76 8.13
N HIS A 41 14.63 -6.84 8.27
CA HIS A 41 13.92 -5.74 8.89
CA HIS A 41 13.83 -5.73 8.78
C HIS A 41 12.75 -6.25 9.73
N PHE A 42 12.49 -5.54 10.81
CA PHE A 42 11.37 -5.84 11.70
C PHE A 42 10.68 -4.54 12.11
N VAL A 43 9.45 -4.37 11.66
CA VAL A 43 8.71 -3.14 11.91
CA VAL A 43 8.70 -3.13 11.90
C VAL A 43 7.38 -3.45 12.60
N TYR A 44 6.98 -2.63 13.57
CA TYR A 44 5.79 -2.96 14.35
C TYR A 44 5.08 -1.74 14.90
N GLU A 45 3.86 -1.96 15.35
CA GLU A 45 3.00 -0.92 15.85
C GLU A 45 2.09 -1.46 16.93
N GLY A 46 1.92 -0.67 17.99
CA GLY A 46 0.95 -0.98 19.02
C GLY A 46 1.57 -1.38 20.35
N ILE A 47 2.88 -1.47 20.40
CA ILE A 47 3.57 -1.78 21.65
C ILE A 47 4.54 -0.65 21.99
N ASP A 48 4.46 -0.13 23.22
CA ASP A 48 5.28 1.03 23.61
C ASP A 48 6.72 0.63 23.90
N GLU A 49 7.60 1.62 23.99
CA GLU A 49 9.03 1.35 24.09
C GLU A 49 9.36 0.60 25.37
N GLU A 50 8.63 0.90 26.44
CA GLU A 50 8.92 0.29 27.73
C GLU A 50 8.70 -1.21 27.66
N THR A 51 7.65 -1.61 26.96
CA THR A 51 7.33 -3.03 26.80
C THR A 51 8.32 -3.73 25.88
N VAL A 52 8.65 -3.07 24.77
CA VAL A 52 9.69 -3.58 23.87
C VAL A 52 11.00 -3.84 24.63
N ARG A 53 11.38 -2.93 25.51
CA ARG A 53 12.59 -3.11 26.29
C ARG A 53 12.48 -4.34 27.21
N ARG A 54 11.33 -4.52 27.86
CA ARG A 54 11.14 -5.68 28.75
C ARG A 54 11.21 -6.99 28.00
N ILE A 55 10.64 -7.04 26.80
CA ILE A 55 10.69 -8.26 25.99
C ILE A 55 12.12 -8.61 25.65
N GLY A 56 12.88 -7.61 25.23
CA GLY A 56 14.29 -7.81 24.97
C GLY A 56 14.55 -8.21 23.53
N HIS A 57 14.80 -9.48 23.28
CA HIS A 57 15.24 -9.88 21.95
C HIS A 57 14.15 -9.83 20.89
N LEU A 58 14.59 -9.48 19.69
CA LEU A 58 13.77 -9.42 18.51
C LEU A 58 13.36 -10.81 18.11
N PRO A 59 12.21 -10.96 17.43
CA PRO A 59 11.79 -12.30 16.99
C PRO A 59 12.76 -12.85 15.97
N LYS A 60 12.88 -14.17 15.94
CA LYS A 60 13.71 -14.85 14.96
C LYS A 60 12.83 -15.44 13.84
N GLY A 61 11.52 -15.22 13.96
CA GLY A 61 10.58 -15.72 12.98
C GLY A 61 10.32 -17.18 13.20
N LEU A 62 9.92 -17.54 14.42
CA LEU A 62 9.64 -18.93 14.77
C LEU A 62 8.15 -19.12 14.94
N GLY A 63 7.76 -20.30 15.43
CA GLY A 63 6.37 -20.62 15.66
C GLY A 63 5.52 -20.38 14.42
N VAL A 64 4.37 -19.77 14.62
CA VAL A 64 3.45 -19.53 13.52
C VAL A 64 4.04 -18.61 12.48
N ILE A 65 4.80 -17.60 12.89
CA ILE A 65 5.44 -16.73 11.91
C ILE A 65 6.42 -17.51 11.03
N GLY A 66 7.17 -18.41 11.66
CA GLY A 66 8.09 -19.28 10.97
C GLY A 66 7.40 -20.14 9.93
N LEU A 67 6.21 -20.61 10.27
CA LEU A 67 5.39 -21.38 9.35
C LEU A 67 5.05 -20.58 8.08
N LEU A 68 4.69 -19.32 8.24
CA LEU A 68 4.35 -18.49 7.09
C LEU A 68 5.56 -18.28 6.21
N ILE A 69 6.73 -18.26 6.82
CA ILE A 69 7.98 -18.05 6.10
C ILE A 69 8.38 -19.28 5.29
N GLU A 70 8.33 -20.44 5.92
CA GLU A 70 8.60 -21.69 5.20
C GLU A 70 7.56 -21.96 4.11
N ASP A 71 6.28 -21.88 4.43
CA ASP A 71 5.28 -22.12 3.40
C ASP A 71 4.33 -20.93 3.34
N PRO A 72 4.63 -19.99 2.41
CA PRO A 72 3.96 -18.70 2.25
C PRO A 72 2.54 -18.81 1.69
N LYS A 73 1.58 -18.50 2.55
CA LYS A 73 0.16 -18.62 2.28
C LYS A 73 -0.53 -17.78 3.37
N PRO A 74 -1.65 -17.12 3.05
CA PRO A 74 -2.34 -16.39 4.10
C PRO A 74 -2.82 -17.32 5.21
N LEU A 75 -2.81 -16.82 6.44
CA LEU A 75 -3.27 -17.60 7.58
C LEU A 75 -4.06 -16.70 8.49
N ARG A 76 -5.31 -17.04 8.72
CA ARG A 76 -6.15 -16.36 9.70
C ARG A 76 -6.50 -17.35 10.79
N LEU A 77 -6.35 -16.92 12.03
CA LEU A 77 -6.58 -17.79 13.19
C LEU A 77 -7.44 -17.10 14.22
N ASP A 78 -8.38 -17.86 14.79
CA ASP A 78 -9.14 -17.36 15.91
C ASP A 78 -8.24 -17.22 17.14
N ASP A 79 -7.28 -18.14 17.26
CA ASP A 79 -6.44 -18.18 18.47
C ASP A 79 -5.05 -18.69 18.12
N VAL A 80 -4.11 -17.76 17.93
CA VAL A 80 -2.80 -18.13 17.39
C VAL A 80 -2.07 -19.13 18.31
N SER A 81 -2.33 -19.05 19.61
CA SER A 81 -1.59 -19.88 20.55
C SER A 81 -2.08 -21.32 20.49
N ALA A 82 -3.24 -21.55 19.89
CA ALA A 82 -3.78 -22.89 19.78
C ALA A 82 -3.28 -23.60 18.52
N HIS A 83 -2.60 -22.88 17.64
CA HIS A 83 -2.06 -23.52 16.45
C HIS A 83 -0.96 -24.50 16.87
N PRO A 84 -0.94 -25.70 16.28
CA PRO A 84 0.08 -26.69 16.67
C PRO A 84 1.53 -26.25 16.42
N ALA A 85 1.76 -25.25 15.57
CA ALA A 85 3.10 -24.76 15.31
C ALA A 85 3.50 -23.66 16.30
N SER A 86 2.54 -23.22 17.13
CA SER A 86 2.79 -22.15 18.07
C SER A 86 3.93 -22.47 19.04
N ILE A 87 4.78 -21.48 19.28
CA ILE A 87 5.96 -21.64 20.13
C ILE A 87 5.72 -20.96 21.47
N GLY A 88 4.73 -20.08 21.51
CA GLY A 88 4.40 -19.34 22.72
C GLY A 88 5.05 -17.97 22.74
N PHE A 89 4.49 -17.06 23.53
CA PHE A 89 5.06 -15.72 23.63
C PHE A 89 6.18 -15.71 24.66
N PRO A 90 7.26 -14.94 24.38
CA PRO A 90 8.31 -14.78 25.39
C PRO A 90 7.81 -13.95 26.57
N PRO A 91 8.54 -14.00 27.71
CA PRO A 91 8.15 -13.18 28.86
C PRO A 91 7.97 -11.69 28.46
N TYR A 92 6.94 -11.06 29.01
CA TYR A 92 6.62 -9.63 28.86
C TYR A 92 6.02 -9.26 27.49
N HIS A 93 5.98 -10.22 26.58
CA HIS A 93 5.31 -10.03 25.29
C HIS A 93 3.80 -10.03 25.56
N PRO A 94 3.07 -9.03 25.04
CA PRO A 94 1.63 -9.07 25.27
C PRO A 94 1.01 -10.35 24.69
N PRO A 95 0.10 -10.98 25.44
CA PRO A 95 -0.64 -12.13 24.90
C PRO A 95 -1.54 -11.67 23.76
N MET A 96 -1.65 -12.48 22.72
CA MET A 96 -2.43 -12.09 21.56
C MET A 96 -3.25 -13.28 21.13
N ARG A 97 -4.41 -13.04 20.52
CA ARG A 97 -5.33 -14.15 20.23
C ARG A 97 -5.63 -14.26 18.74
N THR A 98 -6.49 -13.38 18.23
CA THR A 98 -6.82 -13.44 16.81
C THR A 98 -5.63 -13.02 15.94
N PHE A 99 -5.51 -13.61 14.77
CA PHE A 99 -4.29 -13.47 13.98
C PHE A 99 -4.60 -13.46 12.50
N LEU A 100 -3.94 -12.57 11.78
CA LEU A 100 -4.01 -12.51 10.33
C LEU A 100 -2.59 -12.29 9.81
N GLY A 101 -2.05 -13.28 9.10
CA GLY A 101 -0.71 -13.16 8.57
C GLY A 101 -0.69 -13.49 7.08
N VAL A 102 0.08 -12.74 6.32
CA VAL A 102 0.19 -12.99 4.88
C VAL A 102 1.62 -12.80 4.44
N PRO A 103 2.05 -13.58 3.43
CA PRO A 103 3.41 -13.43 2.93
C PRO A 103 3.63 -12.13 2.15
N VAL A 104 4.83 -11.57 2.30
CA VAL A 104 5.29 -10.41 1.53
C VAL A 104 6.10 -10.91 0.35
N ARG A 105 5.54 -10.79 -0.85
CA ARG A 105 6.05 -11.51 -2.01
C ARG A 105 5.91 -10.73 -3.31
N SER A 110 9.14 -14.76 -2.00
CA SER A 110 8.63 -14.24 -0.73
C SER A 110 9.75 -13.72 0.15
N PHE A 111 9.66 -12.44 0.52
CA PHE A 111 10.70 -11.76 1.28
C PHE A 111 10.34 -11.63 2.76
N GLY A 112 9.10 -11.95 3.12
CA GLY A 112 8.67 -11.70 4.49
C GLY A 112 7.22 -11.98 4.80
N THR A 113 6.79 -11.44 5.95
CA THR A 113 5.45 -11.65 6.49
C THR A 113 4.90 -10.35 7.09
N LEU A 114 3.67 -10.01 6.74
CA LEU A 114 2.93 -8.91 7.35
C LEU A 114 1.87 -9.54 8.23
N TYR A 115 1.85 -9.22 9.52
CA TYR A 115 0.85 -9.88 10.35
C TYR A 115 0.25 -8.94 11.40
N LEU A 116 -1.01 -9.22 11.73
CA LEU A 116 -1.83 -8.40 12.61
C LEU A 116 -2.50 -9.27 13.65
N THR A 117 -2.69 -8.72 14.85
CA THR A 117 -3.40 -9.46 15.88
C THR A 117 -4.41 -8.65 16.63
N ASP A 118 -5.36 -9.37 17.23
CA ASP A 118 -6.29 -8.80 18.20
C ASP A 118 -7.09 -7.64 17.65
N LYS A 119 -7.86 -7.95 16.61
CA LYS A 119 -8.84 -7.02 16.09
C LYS A 119 -9.63 -6.47 17.27
N THR A 120 -9.83 -5.16 17.31
CA THR A 120 -10.30 -4.55 18.55
C THR A 120 -11.78 -4.80 18.85
N ASN A 121 -12.54 -5.36 17.90
CA ASN A 121 -13.92 -5.75 18.23
C ASN A 121 -13.97 -7.16 18.86
N GLY A 122 -12.81 -7.77 19.03
CA GLY A 122 -12.71 -9.09 19.63
C GLY A 122 -13.05 -10.22 18.69
N GLN A 123 -13.36 -9.88 17.43
CA GLN A 123 -13.85 -10.85 16.45
C GLN A 123 -12.67 -11.36 15.63
N PRO A 124 -12.84 -12.50 14.93
CA PRO A 124 -11.77 -12.91 14.01
C PRO A 124 -11.64 -11.91 12.86
N PHE A 125 -10.47 -11.85 12.23
CA PHE A 125 -10.30 -11.03 11.04
C PHE A 125 -11.17 -11.58 9.91
N SER A 126 -11.65 -10.68 9.06
CA SER A 126 -12.61 -11.05 8.01
C SER A 126 -11.93 -11.39 6.68
N ASP A 127 -12.71 -11.91 5.74
CA ASP A 127 -12.24 -12.15 4.38
C ASP A 127 -11.71 -10.87 3.75
N ASP A 128 -12.47 -9.80 3.90
CA ASP A 128 -12.09 -8.51 3.36
C ASP A 128 -10.79 -8.04 4.02
N ASP A 129 -10.68 -8.25 5.33
CA ASP A 129 -9.44 -7.91 6.05
C ASP A 129 -8.26 -8.59 5.36
N GLU A 130 -8.42 -9.88 5.05
CA GLU A 130 -7.35 -10.65 4.44
C GLU A 130 -6.99 -10.10 3.07
N VAL A 131 -8.00 -9.79 2.27
CA VAL A 131 -7.78 -9.22 0.95
C VAL A 131 -7.02 -7.89 1.05
N LEU A 132 -7.46 -7.00 1.94
CA LEU A 132 -6.81 -5.72 2.15
C LEU A 132 -5.34 -5.89 2.53
N VAL A 133 -5.08 -6.76 3.50
CA VAL A 133 -3.74 -6.96 4.02
C VAL A 133 -2.82 -7.68 3.02
N GLN A 134 -3.35 -8.60 2.22
CA GLN A 134 -2.58 -9.26 1.17
CA GLN A 134 -2.51 -9.24 1.20
C GLN A 134 -2.08 -8.22 0.14
N ALA A 135 -2.96 -7.30 -0.21
CA ALA A 135 -2.63 -6.25 -1.18
C ALA A 135 -1.52 -5.34 -0.64
N LEU A 136 -1.62 -4.97 0.64
CA LEU A 136 -0.56 -4.16 1.26
C LEU A 136 0.75 -4.92 1.33
N ALA A 137 0.68 -6.22 1.56
CA ALA A 137 1.88 -7.02 1.59
C ALA A 137 2.51 -7.09 0.19
N ALA A 138 1.68 -7.18 -0.84
CA ALA A 138 2.16 -7.20 -2.23
C ALA A 138 2.91 -5.91 -2.53
N ALA A 139 2.36 -4.79 -2.04
CA ALA A 139 2.99 -3.48 -2.15
C ALA A 139 4.35 -3.44 -1.42
N ALA A 140 4.38 -4.02 -0.22
CA ALA A 140 5.62 -4.12 0.54
C ALA A 140 6.63 -4.96 -0.23
N GLY A 141 6.14 -5.97 -0.93
CA GLY A 141 7.02 -6.83 -1.71
C GLY A 141 7.70 -6.03 -2.81
N ILE A 142 6.92 -5.20 -3.47
CA ILE A 142 7.43 -4.32 -4.53
C ILE A 142 8.47 -3.37 -3.98
N ALA A 143 8.20 -2.77 -2.83
CA ALA A 143 9.11 -1.84 -2.18
C ALA A 143 10.43 -2.52 -1.85
N VAL A 144 10.34 -3.73 -1.30
CA VAL A 144 11.55 -4.49 -0.96
C VAL A 144 12.29 -4.91 -2.23
N ALA A 145 11.56 -5.48 -3.19
CA ALA A 145 12.15 -5.98 -4.43
C ALA A 145 12.86 -4.88 -5.23
N ASN A 146 12.45 -3.63 -5.05
CA ASN A 146 13.07 -2.53 -5.77
C ASN A 146 14.10 -1.82 -4.89
N ALA A 147 14.24 -2.29 -3.67
CA ALA A 147 15.32 -1.84 -2.78
C ALA A 147 16.57 -2.66 -3.15
N ARG A 148 17.78 -2.21 -2.80
CA ARG A 148 18.06 -1.01 -2.01
C ARG A 148 18.00 0.27 -2.84
N ASP B 7 9.84 -2.06 -17.88
CA ASP B 7 10.03 -2.85 -16.67
C ASP B 7 9.48 -2.10 -15.45
N LEU B 8 9.92 -0.86 -15.28
CA LEU B 8 9.40 0.00 -14.22
C LEU B 8 7.91 0.20 -14.43
N GLU B 9 7.53 0.42 -15.68
CA GLU B 9 6.14 0.62 -16.05
C GLU B 9 5.27 -0.59 -15.66
N ALA B 10 5.77 -1.81 -15.81
CA ALA B 10 5.01 -2.99 -15.41
C ALA B 10 4.76 -2.98 -13.91
N THR B 11 5.76 -2.57 -13.14
CA THR B 11 5.61 -2.41 -11.70
C THR B 11 4.57 -1.35 -11.35
N LEU B 12 4.69 -0.19 -11.99
CA LEU B 12 3.77 0.91 -11.76
C LEU B 12 2.36 0.51 -12.16
N ARG B 13 2.26 -0.30 -13.22
CA ARG B 13 0.97 -0.77 -13.71
C ARG B 13 0.29 -1.72 -12.72
N ALA B 14 1.08 -2.51 -12.00
CA ALA B 14 0.55 -3.41 -10.96
C ALA B 14 0.00 -2.63 -9.78
N ILE B 15 0.69 -1.55 -9.41
CA ILE B 15 0.27 -0.70 -8.30
C ILE B 15 -1.03 0.03 -8.63
N VAL B 16 -1.12 0.55 -9.85
CA VAL B 16 -2.38 1.14 -10.31
C VAL B 16 -3.49 0.09 -10.30
N HIS B 17 -3.18 -1.10 -10.79
CA HIS B 17 -4.20 -2.15 -10.86
C HIS B 17 -4.70 -2.50 -9.48
N SER B 18 -3.77 -2.56 -8.53
CA SER B 18 -4.13 -2.90 -7.16
C SER B 18 -4.99 -1.79 -6.53
N ALA B 19 -4.58 -0.54 -6.71
CA ALA B 19 -5.34 0.57 -6.16
C ALA B 19 -6.74 0.61 -6.74
N THR B 20 -6.85 0.48 -8.06
CA THR B 20 -8.14 0.58 -8.74
C THR B 20 -9.11 -0.49 -8.24
N SER B 21 -8.59 -1.71 -8.10
CA SER B 21 -9.38 -2.81 -7.58
C SER B 21 -9.76 -2.62 -6.11
N LEU B 22 -8.82 -2.19 -5.28
CA LEU B 22 -9.07 -2.09 -3.83
C LEU B 22 -10.02 -0.99 -3.40
N VAL B 23 -10.03 0.12 -4.13
CA VAL B 23 -10.94 1.22 -3.78
C VAL B 23 -12.14 1.27 -4.73
N ASP B 24 -12.33 0.21 -5.53
CA ASP B 24 -13.48 0.12 -6.43
C ASP B 24 -13.63 1.30 -7.37
N ALA B 25 -12.52 1.77 -7.96
CA ALA B 25 -12.57 2.87 -8.93
C ALA B 25 -12.83 2.35 -10.34
N ARG B 26 -13.54 3.13 -11.15
CA ARG B 26 -13.73 2.75 -12.55
C ARG B 26 -12.45 2.97 -13.35
N TYR B 27 -11.70 4.03 -12.98
CA TYR B 27 -10.45 4.41 -13.65
C TYR B 27 -9.33 4.65 -12.64
N GLY B 28 -8.11 4.32 -13.05
CA GLY B 28 -6.93 4.60 -12.26
C GLY B 28 -5.77 4.90 -13.18
N ALA B 29 -4.83 5.71 -12.70
CA ALA B 29 -3.68 6.09 -13.49
C ALA B 29 -2.53 6.53 -12.61
N MET B 30 -1.34 6.50 -13.17
CA MET B 30 -0.18 7.11 -12.51
C MET B 30 0.68 7.84 -13.52
N GLU B 31 1.06 9.08 -13.21
CA GLU B 31 2.02 9.81 -14.02
C GLU B 31 3.31 9.95 -13.21
N VAL B 32 4.44 9.82 -13.89
CA VAL B 32 5.75 10.05 -13.30
C VAL B 32 6.44 11.08 -14.20
N HIS B 33 7.08 12.06 -13.59
CA HIS B 33 7.66 13.20 -14.32
C HIS B 33 9.08 13.49 -13.84
N ASP B 34 9.87 14.17 -14.68
CA ASP B 34 11.20 14.62 -14.26
C ASP B 34 11.08 15.93 -13.48
N ARG B 35 12.20 16.52 -13.09
CA ARG B 35 12.13 17.70 -12.22
C ARG B 35 11.70 18.95 -12.99
N GLN B 36 11.65 18.85 -14.31
CA GLN B 36 11.08 19.90 -15.15
C GLN B 36 9.60 19.66 -15.33
N HIS B 37 9.13 18.57 -14.74
CA HIS B 37 7.72 18.19 -14.77
C HIS B 37 7.29 17.86 -16.20
N ARG B 38 8.24 17.30 -16.96
CA ARG B 38 7.97 16.60 -18.23
C ARG B 38 7.54 15.18 -17.90
N VAL B 39 6.58 14.64 -18.63
CA VAL B 39 6.09 13.29 -18.35
C VAL B 39 7.06 12.19 -18.80
N LEU B 40 7.48 11.35 -17.86
CA LEU B 40 8.37 10.24 -18.19
C LEU B 40 7.60 8.93 -18.39
N HIS B 41 6.64 8.67 -17.51
CA HIS B 41 5.80 7.48 -17.62
C HIS B 41 4.34 7.80 -17.31
N PHE B 42 3.47 7.16 -18.05
CA PHE B 42 2.04 7.32 -17.81
C PHE B 42 1.38 5.96 -17.96
N VAL B 43 0.83 5.47 -16.87
CA VAL B 43 0.24 4.14 -16.81
CA VAL B 43 0.20 4.15 -16.89
C VAL B 43 -1.22 4.27 -16.35
N TYR B 44 -2.12 3.41 -16.85
CA TYR B 44 -3.54 3.56 -16.55
C TYR B 44 -4.33 2.27 -16.73
N GLU B 45 -5.55 2.30 -16.23
CA GLU B 45 -6.45 1.16 -16.29
C GLU B 45 -7.89 1.66 -16.37
N GLY B 46 -8.72 1.02 -17.19
CA GLY B 46 -10.12 1.36 -17.26
C GLY B 46 -10.54 2.02 -18.55
N ILE B 47 -9.59 2.30 -19.43
CA ILE B 47 -9.91 2.86 -20.74
C ILE B 47 -9.34 1.95 -21.81
N ASP B 48 -10.15 1.56 -22.79
CA ASP B 48 -9.70 0.66 -23.85
C ASP B 48 -8.88 1.35 -24.94
N GLU B 49 -8.18 0.57 -25.76
CA GLU B 49 -7.23 1.15 -26.69
C GLU B 49 -7.88 2.07 -27.73
N GLU B 50 -9.08 1.73 -28.17
CA GLU B 50 -9.71 2.54 -29.23
C GLU B 50 -10.03 3.94 -28.72
N THR B 51 -10.46 4.03 -27.45
CA THR B 51 -10.73 5.32 -26.85
C THR B 51 -9.43 6.12 -26.64
N VAL B 52 -8.39 5.43 -26.17
CA VAL B 52 -7.09 6.06 -26.01
C VAL B 52 -6.62 6.67 -27.35
N ARG B 53 -6.76 5.92 -28.45
CA ARG B 53 -6.38 6.46 -29.76
C ARG B 53 -7.18 7.71 -30.09
N ARG B 54 -8.48 7.68 -29.79
CA ARG B 54 -9.36 8.79 -30.08
C ARG B 54 -8.97 10.04 -29.29
N ILE B 55 -8.54 9.86 -28.05
CA ILE B 55 -8.06 10.97 -27.25
C ILE B 55 -6.84 11.55 -27.97
N GLY B 56 -5.93 10.67 -28.41
CA GLY B 56 -4.90 11.09 -29.33
C GLY B 56 -3.61 11.64 -28.77
N HIS B 57 -3.60 12.04 -27.51
CA HIS B 57 -2.35 12.55 -26.95
C HIS B 57 -2.30 12.31 -25.46
N LEU B 58 -1.10 12.05 -24.97
CA LEU B 58 -0.84 11.78 -23.56
C LEU B 58 -0.99 13.03 -22.70
N PRO B 59 -1.36 12.85 -21.42
CA PRO B 59 -1.52 14.03 -20.58
C PRO B 59 -0.17 14.70 -20.38
N LYS B 60 -0.16 16.01 -20.20
CA LYS B 60 1.06 16.70 -19.89
C LYS B 60 1.16 17.03 -18.41
N GLY B 61 0.16 16.61 -17.64
CA GLY B 61 0.12 16.88 -16.22
C GLY B 61 -0.35 18.29 -15.92
N LEU B 62 -1.52 18.63 -16.45
CA LEU B 62 -2.10 19.95 -16.25
C LEU B 62 -3.33 19.85 -15.33
N GLY B 63 -4.07 20.95 -15.20
CA GLY B 63 -5.26 20.98 -14.40
C GLY B 63 -5.04 20.49 -12.99
N VAL B 64 -5.96 19.66 -12.52
CA VAL B 64 -5.91 19.17 -11.15
C VAL B 64 -4.66 18.31 -10.92
N ILE B 65 -4.26 17.55 -11.93
CA ILE B 65 -3.03 16.76 -11.83
C ILE B 65 -1.83 17.71 -11.70
N GLY B 66 -1.86 18.80 -12.46
CA GLY B 66 -0.83 19.85 -12.38
C GLY B 66 -0.78 20.44 -10.98
N LEU B 67 -1.94 20.61 -10.37
CA LEU B 67 -2.00 21.05 -8.97
C LEU B 67 -1.29 20.06 -8.02
N LEU B 68 -1.53 18.77 -8.22
CA LEU B 68 -0.88 17.74 -7.41
C LEU B 68 0.63 17.70 -7.67
N ILE B 69 1.02 18.00 -8.90
CA ILE B 69 2.43 18.00 -9.25
C ILE B 69 3.11 19.24 -8.65
N GLU B 70 2.43 20.40 -8.75
CA GLU B 70 2.90 21.66 -8.15
C GLU B 70 3.05 21.56 -6.62
N ASP B 71 2.03 21.10 -5.92
CA ASP B 71 2.09 20.96 -4.47
C ASP B 71 1.57 19.58 -4.09
N PRO B 72 2.47 18.60 -3.96
CA PRO B 72 2.08 17.21 -3.72
C PRO B 72 1.49 16.99 -2.33
N LYS B 73 0.21 16.65 -2.32
CA LYS B 73 -0.58 16.48 -1.12
C LYS B 73 -1.77 15.63 -1.52
N PRO B 74 -2.27 14.76 -0.64
CA PRO B 74 -3.45 14.00 -1.04
C PRO B 74 -4.64 14.93 -1.34
N LEU B 75 -5.44 14.55 -2.33
CA LEU B 75 -6.59 15.36 -2.72
C LEU B 75 -7.78 14.49 -3.10
N ARG B 76 -8.90 14.74 -2.43
CA ARG B 76 -10.17 14.11 -2.78
C ARG B 76 -11.20 15.15 -3.15
N LEU B 77 -11.93 14.89 -4.24
CA LEU B 77 -12.97 15.81 -4.73
C LEU B 77 -14.21 15.01 -5.11
N ASP B 78 -15.40 15.53 -4.78
CA ASP B 78 -16.68 14.98 -5.27
C ASP B 78 -16.82 15.13 -6.79
N ASP B 79 -16.25 16.19 -7.33
CA ASP B 79 -16.36 16.51 -8.76
C ASP B 79 -15.10 17.25 -9.24
N VAL B 80 -14.19 16.52 -9.87
CA VAL B 80 -12.89 17.09 -10.20
C VAL B 80 -13.06 18.29 -11.12
N SER B 81 -14.13 18.31 -11.90
CA SER B 81 -14.31 19.36 -12.89
C SER B 81 -14.70 20.69 -12.25
N ALA B 82 -15.12 20.64 -10.98
CA ALA B 82 -15.50 21.86 -10.28
C ALA B 82 -14.32 22.53 -9.56
N HIS B 83 -13.17 21.86 -9.49
CA HIS B 83 -12.00 22.44 -8.83
C HIS B 83 -11.54 23.66 -9.61
N PRO B 84 -11.17 24.74 -8.91
CA PRO B 84 -10.75 25.93 -9.66
C PRO B 84 -9.50 25.69 -10.55
N ALA B 85 -8.71 24.67 -10.29
CA ALA B 85 -7.51 24.42 -11.10
C ALA B 85 -7.81 23.53 -12.31
N SER B 86 -9.04 23.03 -12.37
CA SER B 86 -9.45 22.13 -13.44
C SER B 86 -9.25 22.74 -14.82
N ILE B 87 -8.79 21.93 -15.77
CA ILE B 87 -8.56 22.42 -17.11
C ILE B 87 -9.63 21.88 -18.07
N GLY B 88 -10.33 20.83 -17.64
CA GLY B 88 -11.35 20.19 -18.45
C GLY B 88 -10.78 19.00 -19.20
N PHE B 89 -11.64 18.07 -19.59
CA PHE B 89 -11.21 16.87 -20.31
C PHE B 89 -11.10 17.16 -21.81
N PRO B 90 -10.10 16.55 -22.49
CA PRO B 90 -10.00 16.64 -23.94
C PRO B 90 -11.09 15.81 -24.62
N PRO B 91 -11.33 16.06 -25.92
CA PRO B 91 -12.30 15.27 -26.68
C PRO B 91 -12.09 13.77 -26.52
N TYR B 92 -13.18 13.04 -26.36
CA TYR B 92 -13.21 11.57 -26.26
C TYR B 92 -12.69 11.01 -24.94
N HIS B 93 -12.18 11.88 -24.06
CA HIS B 93 -11.77 11.48 -22.72
C HIS B 93 -13.04 11.20 -21.93
N PRO B 94 -13.12 10.05 -21.26
CA PRO B 94 -14.35 9.77 -20.50
C PRO B 94 -14.59 10.83 -19.45
N PRO B 95 -15.85 11.27 -19.30
CA PRO B 95 -16.14 12.18 -18.22
C PRO B 95 -15.91 11.47 -16.89
N MET B 96 -15.33 12.19 -15.94
CA MET B 96 -15.04 11.62 -14.62
C MET B 96 -15.43 12.63 -13.56
N ARG B 97 -15.87 12.13 -12.42
CA ARG B 97 -16.44 12.99 -11.41
C ARG B 97 -15.72 12.85 -10.07
N THR B 98 -15.96 11.77 -9.33
CA THR B 98 -15.27 11.61 -8.05
C THR B 98 -13.78 11.36 -8.29
N PHE B 99 -12.96 11.85 -7.39
CA PHE B 99 -11.51 11.89 -7.64
C PHE B 99 -10.76 11.62 -6.35
N LEU B 100 -9.71 10.79 -6.46
CA LEU B 100 -8.77 10.57 -5.35
C LEU B 100 -7.35 10.56 -5.90
N GLY B 101 -6.52 11.51 -5.46
CA GLY B 101 -5.16 11.60 -5.94
C GLY B 101 -4.14 11.75 -4.81
N VAL B 102 -2.99 11.09 -4.93
CA VAL B 102 -1.93 11.16 -3.92
C VAL B 102 -0.56 11.20 -4.61
N PRO B 103 0.41 11.88 -3.98
CA PRO B 103 1.75 11.94 -4.57
C PRO B 103 2.52 10.62 -4.51
N VAL B 104 3.28 10.36 -5.56
CA VAL B 104 4.23 9.25 -5.60
C VAL B 104 5.62 9.82 -5.32
N ARG B 105 6.15 9.56 -4.12
CA ARG B 105 7.33 10.27 -3.65
C ARG B 105 8.20 9.50 -2.70
N VAL B 106 9.37 10.08 -2.42
CA VAL B 106 10.14 9.70 -1.25
C VAL B 106 10.32 10.98 -0.47
N ARG B 107 11.07 10.93 0.62
CA ARG B 107 11.23 12.10 1.47
C ARG B 107 11.79 13.29 0.70
N ASP B 108 12.91 13.06 0.03
CA ASP B 108 13.66 14.13 -0.62
C ASP B 108 12.94 14.71 -1.84
N GLU B 109 12.02 13.94 -2.41
CA GLU B 109 11.54 14.26 -3.75
C GLU B 109 10.20 13.62 -4.13
N SER B 110 9.37 14.40 -4.81
CA SER B 110 8.11 13.89 -5.35
C SER B 110 8.23 13.67 -6.86
N PHE B 111 7.97 12.43 -7.30
CA PHE B 111 8.15 12.02 -8.70
C PHE B 111 6.88 11.93 -9.54
N GLY B 112 5.71 11.94 -8.91
CA GLY B 112 4.51 11.65 -9.66
C GLY B 112 3.23 11.63 -8.85
N THR B 113 2.17 11.11 -9.47
CA THR B 113 0.85 11.15 -8.86
C THR B 113 0.12 9.85 -9.19
N LEU B 114 -0.48 9.23 -8.18
CA LEU B 114 -1.36 8.08 -8.35
C LEU B 114 -2.78 8.57 -8.16
N TYR B 115 -3.65 8.38 -9.14
CA TYR B 115 -4.99 8.91 -9.01
C TYR B 115 -6.07 8.00 -9.59
N LEU B 116 -7.22 8.09 -8.96
CA LEU B 116 -8.39 7.25 -9.20
C LEU B 116 -9.62 8.10 -9.35
N THR B 117 -10.55 7.67 -10.20
CA THR B 117 -11.81 8.39 -10.37
C THR B 117 -13.03 7.47 -10.45
N ASP B 118 -14.19 8.04 -10.16
CA ASP B 118 -15.48 7.38 -10.35
C ASP B 118 -15.59 6.05 -9.60
N LYS B 119 -15.51 6.12 -8.27
CA LYS B 119 -15.76 4.98 -7.39
C LYS B 119 -17.07 4.35 -7.83
N THR B 120 -17.11 3.03 -7.96
CA THR B 120 -18.18 2.38 -8.70
C THR B 120 -19.51 2.34 -7.94
N ASN B 121 -19.50 2.70 -6.67
CA ASN B 121 -20.73 2.79 -5.92
C ASN B 121 -21.41 4.15 -6.08
N GLY B 122 -20.83 5.01 -6.91
CA GLY B 122 -21.39 6.33 -7.15
C GLY B 122 -21.07 7.31 -6.04
N GLN B 123 -20.30 6.85 -5.05
CA GLN B 123 -20.00 7.66 -3.86
C GLN B 123 -18.61 8.31 -3.93
N PRO B 124 -18.36 9.32 -3.08
CA PRO B 124 -16.99 9.88 -2.99
C PRO B 124 -16.03 8.85 -2.44
N PHE B 125 -14.74 9.02 -2.73
CA PHE B 125 -13.73 8.16 -2.12
C PHE B 125 -13.63 8.43 -0.63
N SER B 126 -13.38 7.38 0.14
CA SER B 126 -13.41 7.50 1.61
C SER B 126 -12.06 7.83 2.21
N ASP B 127 -12.07 8.12 3.51
CA ASP B 127 -10.83 8.27 4.28
C ASP B 127 -9.96 7.03 4.18
N ASP B 128 -10.58 5.85 4.34
CA ASP B 128 -9.82 4.60 4.22
C ASP B 128 -9.23 4.44 2.82
N ASP B 129 -10.00 4.79 1.79
CA ASP B 129 -9.50 4.76 0.39
C ASP B 129 -8.19 5.54 0.30
N GLU B 130 -8.19 6.74 0.88
CA GLU B 130 -7.01 7.60 0.83
C GLU B 130 -5.79 6.99 1.52
N VAL B 131 -6.00 6.43 2.71
CA VAL B 131 -4.93 5.75 3.44
C VAL B 131 -4.36 4.60 2.63
N LEU B 132 -5.26 3.79 2.09
CA LEU B 132 -4.86 2.67 1.25
C LEU B 132 -3.98 3.10 0.07
N VAL B 133 -4.44 4.11 -0.67
CA VAL B 133 -3.74 4.50 -1.89
C VAL B 133 -2.38 5.16 -1.55
N GLN B 134 -2.31 5.87 -0.42
CA GLN B 134 -1.04 6.45 0.04
C GLN B 134 0.03 5.38 0.28
N ALA B 135 -0.37 4.26 0.86
CA ALA B 135 0.55 3.14 1.08
C ALA B 135 1.08 2.57 -0.23
N LEU B 136 0.19 2.34 -1.20
CA LEU B 136 0.62 1.77 -2.46
C LEU B 136 1.52 2.76 -3.21
N ALA B 137 1.21 4.04 -3.07
CA ALA B 137 1.99 5.11 -3.71
C ALA B 137 3.41 5.16 -3.16
N ALA B 138 3.54 4.91 -1.86
CA ALA B 138 4.85 4.86 -1.22
C ALA B 138 5.72 3.76 -1.79
N ALA B 139 5.12 2.60 -2.03
CA ALA B 139 5.83 1.48 -2.64
C ALA B 139 6.28 1.86 -4.05
N ALA B 140 5.39 2.51 -4.80
CA ALA B 140 5.71 3.01 -6.14
C ALA B 140 6.87 4.00 -6.12
N GLY B 141 6.92 4.81 -5.07
CA GLY B 141 7.96 5.81 -4.92
C GLY B 141 9.33 5.16 -4.82
N ILE B 142 9.40 4.06 -4.10
CA ILE B 142 10.64 3.30 -3.96
C ILE B 142 11.08 2.75 -5.32
N ALA B 143 10.13 2.19 -6.07
CA ALA B 143 10.40 1.63 -7.37
C ALA B 143 10.95 2.70 -8.32
N VAL B 144 10.32 3.88 -8.30
CA VAL B 144 10.75 5.00 -9.14
C VAL B 144 12.12 5.54 -8.70
N ALA B 145 12.30 5.80 -7.40
CA ALA B 145 13.57 6.35 -6.91
C ALA B 145 14.76 5.43 -7.22
N ASN B 146 14.48 4.14 -7.37
CA ASN B 146 15.53 3.15 -7.64
C ASN B 146 15.69 2.75 -9.12
N ALA B 147 14.92 3.36 -10.01
CA ALA B 147 15.07 3.07 -11.44
C ALA B 147 16.23 3.85 -12.05
CHA HEM C . 6.34 -14.34 19.04
CHB HEM C . 3.11 -11.26 17.14
CHC HEM C . 5.80 -7.52 18.62
CHD HEM C . 9.29 -10.57 19.96
C1A HEM C . 5.17 -13.83 18.51
C2A HEM C . 3.93 -14.56 18.25
C3A HEM C . 3.04 -13.71 17.73
C4A HEM C . 3.68 -12.41 17.63
CMA HEM C . 1.59 -14.06 17.30
CAA HEM C . 3.65 -16.05 18.58
CBA HEM C . 4.09 -17.00 17.50
CGA HEM C . 3.78 -18.40 17.98
O1A HEM C . 3.93 -19.29 17.12
O2A HEM C . 3.38 -18.64 19.16
C1B HEM C . 3.55 -9.98 17.35
C2B HEM C . 2.89 -8.76 16.91
C3B HEM C . 3.61 -7.73 17.32
C4B HEM C . 4.79 -8.25 18.05
CMB HEM C . 1.56 -8.67 16.11
CAB HEM C . 3.24 -6.26 17.04
CBB HEM C . 3.63 -5.26 17.84
C1C HEM C . 7.00 -8.00 19.09
C2C HEM C . 8.13 -7.21 19.58
C3C HEM C . 9.09 -8.07 19.94
C4C HEM C . 8.59 -9.42 19.71
CMC HEM C . 8.15 -5.68 19.64
CAC HEM C . 10.51 -7.83 20.53
CBC HEM C . 11.04 -6.62 20.76
C1D HEM C . 8.83 -11.85 19.82
C2D HEM C . 9.65 -13.02 20.08
C3D HEM C . 8.73 -14.20 19.79
C4D HEM C . 7.46 -13.62 19.37
CMD HEM C . 11.11 -13.07 20.58
CAD HEM C . 9.10 -15.69 19.90
CBD HEM C . 9.18 -16.32 18.50
CGD HEM C . 10.21 -15.73 17.55
O1D HEM C . 11.37 -15.47 17.93
O2D HEM C . 9.87 -15.52 16.36
NA HEM C . 4.97 -12.53 18.13
NB HEM C . 4.70 -9.62 18.05
NC HEM C . 7.33 -9.33 19.18
ND HEM C . 7.55 -12.23 19.39
FE HEM C . 6.08 -10.91 18.78
N NO D . 6.72 -11.10 17.26
O NO D . 6.95 -10.76 16.12
CHA HEM E . -7.07 15.25 -17.99
CHB HEM E . -7.99 11.44 -15.12
CHC HEM E . -6.73 8.47 -18.77
CHD HEM E . -5.23 12.23 -21.37
C1A HEM E . -7.42 14.48 -16.90
C2A HEM E . -7.81 14.99 -15.58
C3A HEM E . -8.07 13.92 -14.80
C4A HEM E . -7.86 12.72 -15.58
CMA HEM E . -8.51 13.95 -13.32
CAA HEM E . -7.88 16.48 -15.16
CBA HEM E . -9.20 17.12 -15.53
CGA HEM E . -9.19 18.60 -15.15
O1A HEM E . -8.20 19.10 -14.54
O2A HEM E . -10.19 19.27 -15.48
C1B HEM E . -7.70 10.29 -15.83
C2B HEM E . -7.79 8.95 -15.34
C3B HEM E . -7.47 8.11 -16.35
C4B HEM E . -7.13 8.92 -17.52
CMB HEM E . -8.20 8.54 -13.90
CAB HEM E . -7.43 6.57 -16.22
CBB HEM E . -7.62 5.77 -17.28
C1C HEM E . -6.17 9.19 -19.78
C2C HEM E . -5.51 8.68 -20.97
C3C HEM E . -5.11 9.74 -21.70
C4C HEM E . -5.48 10.94 -20.98
CMC HEM E . -5.36 7.16 -21.30
CAC HEM E . -4.34 9.80 -23.06
CBC HEM E . -3.68 8.77 -23.59
C1D HEM E . -5.57 13.38 -20.70
C2D HEM E . -5.25 14.71 -21.18
C3D HEM E . -5.80 15.67 -20.14
C4D HEM E . -6.42 14.82 -19.13
CMD HEM E . -4.49 15.07 -22.48
CAD HEM E . -5.72 17.20 -20.22
CBD HEM E . -4.77 17.76 -19.16
CGD HEM E . -3.36 17.31 -19.42
O1D HEM E . -2.69 16.87 -18.45
O2D HEM E . -2.91 17.38 -20.60
NA HEM E . -7.47 13.09 -16.86
NB HEM E . -7.30 10.24 -17.16
NC HEM E . -6.11 10.56 -19.84
ND HEM E . -6.26 13.48 -19.49
FE HEM E . -6.84 11.80 -18.39
N NO F . -5.34 11.82 -17.60
O NO F . -4.35 12.38 -17.13
#